data_4H05
#
_entry.id   4H05
#
_cell.length_a   51.340
_cell.length_b   103.340
_cell.length_c   53.680
_cell.angle_alpha   90.000
_cell.angle_beta   94.360
_cell.angle_gamma   90.000
#
_symmetry.space_group_name_H-M   'P 1 21 1'
#
loop_
_entity.id
_entity.type
_entity.pdbx_description
1 polymer 'Aminoglycoside-O-phosphotransferase VIII'
2 water water
#
_entity_poly.entity_id   1
_entity_poly.type   'polypeptide(L)'
_entity_poly.pdbx_seq_one_letter_code
;HHHHHHMDDALRALRGRYPGCEWVVVEDGASGAGVYRLRGGGRELFVKVAALGAGVGLLGEAERLVWLAEVGIPVPRVVE
GGGDERVAWLVTEAVPGRPASARWPREQRLDVAVALAGLARSLHALDWERCPFDRSLAVTVPQAARAVAEGSVDLEDLDE
ERKGWSGERLLAELERTRPADEDLAVCHGDLCPDNVLLDPRTCEVTGLIDVGRVGRADRHSDLALVLRELAHEEDPWFGP
ECSAAFLREYGRGWDGAVSEEKLAFYRLLDEFF
;
_entity_poly.pdbx_strand_id   A,B
#
# COMPACT_ATOMS: atom_id res chain seq x y z
N HIS A 4 -26.08 -0.99 6.19
CA HIS A 4 -25.46 0.38 6.28
C HIS A 4 -25.48 1.00 4.92
N HIS A 5 -24.35 1.57 4.47
CA HIS A 5 -24.44 2.58 3.40
C HIS A 5 -23.14 2.96 2.76
N HIS A 6 -22.24 3.49 3.59
CA HIS A 6 -20.82 3.58 3.29
C HIS A 6 -20.36 2.22 2.80
N MET A 7 -20.93 1.20 3.42
CA MET A 7 -20.58 -0.19 3.17
C MET A 7 -21.08 -0.62 1.82
N ASP A 8 -22.36 -0.41 1.58
CA ASP A 8 -23.00 -0.70 0.32
C ASP A 8 -22.31 0.00 -0.83
N ASP A 9 -21.91 1.26 -0.59
CA ASP A 9 -21.08 2.05 -1.56
C ASP A 9 -19.79 1.37 -1.91
N ALA A 10 -19.09 0.96 -0.86
CA ALA A 10 -17.77 0.37 -0.97
C ALA A 10 -17.85 -0.96 -1.76
N LEU A 11 -18.78 -1.81 -1.39
CA LEU A 11 -19.01 -3.06 -2.13
C LEU A 11 -19.42 -2.86 -3.59
N ARG A 12 -20.32 -1.91 -3.87
CA ARG A 12 -20.69 -1.63 -5.27
C ARG A 12 -19.54 -0.96 -6.02
N ALA A 13 -18.80 -0.03 -5.39
CA ALA A 13 -17.66 0.49 -6.20
C ALA A 13 -16.65 -0.67 -6.44
N LEU A 14 -16.35 -1.44 -5.39
CA LEU A 14 -15.49 -2.65 -5.58
C LEU A 14 -15.96 -3.51 -6.73
N ARG A 15 -17.27 -3.78 -6.79
CA ARG A 15 -17.80 -4.68 -7.80
C ARG A 15 -17.60 -4.14 -9.23
N GLY A 16 -17.84 -2.85 -9.42
CA GLY A 16 -17.46 -2.19 -10.74
C GLY A 16 -15.95 -2.18 -11.10
N ARG A 17 -15.05 -2.26 -10.13
CA ARG A 17 -13.66 -2.25 -10.45
C ARG A 17 -13.16 -3.63 -10.83
N TYR A 18 -13.90 -4.67 -10.49
CA TYR A 18 -13.52 -6.07 -10.83
C TYR A 18 -14.62 -6.73 -11.71
N PRO A 19 -14.86 -6.23 -12.92
CA PRO A 19 -15.97 -6.74 -13.70
C PRO A 19 -15.65 -8.09 -14.18
N GLY A 20 -16.68 -8.92 -14.30
CA GLY A 20 -16.49 -10.28 -14.76
C GLY A 20 -15.93 -11.17 -13.66
N CYS A 21 -15.77 -10.63 -12.45
CA CYS A 21 -15.29 -11.45 -11.37
C CYS A 21 -16.49 -11.94 -10.57
N GLU A 22 -16.47 -13.23 -10.28
CA GLU A 22 -17.45 -13.83 -9.44
C GLU A 22 -17.06 -13.74 -7.96
N TRP A 23 -18.01 -13.31 -7.13
CA TRP A 23 -17.86 -13.19 -5.71
C TRP A 23 -18.27 -14.36 -4.90
N VAL A 24 -17.35 -14.86 -4.07
CA VAL A 24 -17.63 -15.95 -3.18
C VAL A 24 -17.51 -15.47 -1.74
N VAL A 25 -18.55 -15.70 -0.95
CA VAL A 25 -18.50 -15.30 0.43
C VAL A 25 -17.71 -16.30 1.19
N VAL A 26 -16.69 -15.83 1.90
CA VAL A 26 -15.89 -16.73 2.73
C VAL A 26 -16.17 -16.43 4.21
N GLU A 27 -16.61 -15.22 4.53
CA GLU A 27 -17.13 -14.95 5.87
C GLU A 27 -17.93 -13.68 5.80
N ASP A 28 -19.20 -13.73 6.25
CA ASP A 28 -20.07 -12.53 6.16
C ASP A 28 -20.12 -11.85 7.54
N GLY A 29 -20.94 -10.79 7.68
CA GLY A 29 -21.04 -9.98 8.90
C GLY A 29 -21.48 -8.57 8.52
N ALA A 30 -22.09 -7.83 9.45
CA ALA A 30 -22.64 -6.45 9.20
C ALA A 30 -23.62 -6.41 8.01
N SER A 31 -23.55 -5.39 7.13
CA SER A 31 -24.22 -5.44 5.80
C SER A 31 -23.62 -6.64 5.00
N GLY A 32 -22.78 -6.37 4.00
CA GLY A 32 -22.01 -7.41 3.36
C GLY A 32 -20.57 -7.32 3.86
N ALA A 33 -20.37 -7.21 5.18
CA ALA A 33 -19.11 -6.74 5.76
C ALA A 33 -18.10 -7.78 6.26
N GLY A 34 -17.52 -8.55 5.35
CA GLY A 34 -16.39 -9.40 5.67
C GLY A 34 -15.35 -9.67 4.59
N VAL A 35 -15.32 -10.92 4.15
CA VAL A 35 -14.22 -11.50 3.44
C VAL A 35 -14.78 -12.24 2.22
N TYR A 36 -14.24 -11.94 1.04
CA TYR A 36 -14.65 -12.58 -0.21
C TYR A 36 -13.46 -13.02 -1.04
N ARG A 37 -13.68 -14.08 -1.80
CA ARG A 37 -12.86 -14.57 -2.87
C ARG A 37 -13.49 -14.22 -4.21
N LEU A 38 -12.78 -13.45 -5.01
CA LEU A 38 -13.27 -12.99 -6.32
C LEU A 38 -12.49 -13.74 -7.34
N ARG A 39 -13.18 -14.32 -8.30
CA ARG A 39 -12.54 -15.17 -9.26
C ARG A 39 -13.13 -15.07 -10.65
N GLY A 40 -12.25 -15.12 -11.64
CA GLY A 40 -12.64 -14.90 -13.04
C GLY A 40 -11.39 -14.95 -13.88
N GLY A 41 -11.50 -15.60 -15.05
CA GLY A 41 -10.36 -16.21 -15.75
C GLY A 41 -8.88 -15.81 -15.79
N GLY A 42 -7.96 -16.60 -15.27
CA GLY A 42 -8.06 -17.39 -14.06
C GLY A 42 -7.16 -16.60 -13.11
N ARG A 43 -7.64 -15.43 -12.70
CA ARG A 43 -7.06 -14.65 -11.57
C ARG A 43 -8.06 -14.80 -10.42
N GLU A 44 -7.53 -14.74 -9.20
CA GLU A 44 -8.30 -14.81 -7.97
C GLU A 44 -7.78 -13.75 -7.11
N LEU A 45 -8.69 -12.99 -6.49
CA LEU A 45 -8.39 -11.99 -5.48
C LEU A 45 -9.09 -12.33 -4.18
N PHE A 46 -8.48 -11.88 -3.11
CA PHE A 46 -9.14 -11.80 -1.84
C PHE A 46 -9.58 -10.37 -1.56
N VAL A 47 -10.80 -10.18 -1.05
CA VAL A 47 -11.36 -8.84 -0.74
C VAL A 47 -11.90 -8.85 0.67
N LYS A 48 -11.44 -7.90 1.46
CA LYS A 48 -11.85 -7.73 2.85
C LYS A 48 -12.49 -6.35 2.92
N VAL A 49 -13.65 -6.29 3.55
CA VAL A 49 -14.27 -5.01 3.85
C VAL A 49 -14.62 -5.09 5.33
N ALA A 50 -14.33 -4.03 6.07
CA ALA A 50 -14.51 -4.11 7.51
C ALA A 50 -15.49 -3.07 8.09
N ALA A 51 -16.31 -3.60 9.02
CA ALA A 51 -17.23 -2.83 9.90
C ALA A 51 -16.50 -2.03 11.04
N LEU A 52 -16.23 -0.73 10.79
CA LEU A 52 -15.90 0.30 11.85
C LEU A 52 -14.37 0.63 12.08
N GLY A 53 -13.85 0.31 13.25
CA GLY A 53 -12.41 0.41 13.51
C GLY A 53 -11.76 -0.90 13.09
N ALA A 54 -12.60 -1.91 12.80
CA ALA A 54 -12.19 -3.08 12.02
C ALA A 54 -11.60 -2.53 10.75
N GLY A 55 -12.15 -1.38 10.31
CA GLY A 55 -11.62 -0.63 9.16
C GLY A 55 -10.33 0.19 9.33
N VAL A 56 -10.05 0.71 10.52
CA VAL A 56 -8.70 1.30 10.76
C VAL A 56 -7.67 0.17 10.63
N GLY A 57 -8.09 -0.97 11.14
CA GLY A 57 -7.35 -2.20 11.03
C GLY A 57 -6.93 -2.48 9.62
N LEU A 58 -7.89 -2.61 8.68
CA LEU A 58 -7.55 -2.82 7.23
C LEU A 58 -6.62 -1.84 6.56
N LEU A 59 -6.71 -0.53 6.83
CA LEU A 59 -5.69 0.41 6.25
C LEU A 59 -4.28 0.13 6.69
N GLY A 60 -4.21 -0.17 7.96
CA GLY A 60 -2.97 -0.58 8.49
C GLY A 60 -2.51 -1.87 7.87
N GLU A 61 -3.43 -2.76 7.47
CA GLU A 61 -3.02 -4.05 6.96
C GLU A 61 -2.33 -3.93 5.63
N ALA A 62 -2.84 -3.07 4.74
CA ALA A 62 -2.17 -2.75 3.47
C ALA A 62 -0.70 -2.41 3.67
N GLU A 63 -0.41 -1.49 4.59
CA GLU A 63 0.94 -1.02 4.89
C GLU A 63 1.77 -2.12 5.38
N ARG A 64 1.17 -2.99 6.21
CA ARG A 64 1.90 -4.12 6.76
C ARG A 64 2.23 -5.14 5.73
N LEU A 65 1.24 -5.41 4.90
CA LEU A 65 1.42 -6.39 3.82
C LEU A 65 2.58 -6.06 2.82
N VAL A 66 2.66 -4.80 2.46
CA VAL A 66 3.64 -4.29 1.54
C VAL A 66 5.01 -4.36 2.16
N TRP A 67 5.08 -4.02 3.45
CA TRP A 67 6.37 -4.08 4.09
C TRP A 67 6.83 -5.51 4.26
N LEU A 68 5.93 -6.39 4.67
CA LEU A 68 6.24 -7.79 4.70
C LEU A 68 6.78 -8.43 3.38
N ALA A 69 6.21 -8.07 2.28
CA ALA A 69 6.67 -8.55 0.98
C ALA A 69 8.06 -8.02 0.78
N GLU A 70 8.33 -6.76 1.16
CA GLU A 70 9.65 -6.28 0.80
C GLU A 70 10.63 -7.01 1.67
N VAL A 71 10.31 -7.27 2.93
CA VAL A 71 11.32 -7.93 3.73
C VAL A 71 11.43 -9.46 3.58
N GLY A 72 10.63 -10.03 2.70
CA GLY A 72 10.82 -11.41 2.32
C GLY A 72 9.93 -12.45 2.97
N ILE A 73 8.88 -12.02 3.69
CA ILE A 73 7.87 -13.00 4.23
C ILE A 73 6.86 -13.23 3.14
N PRO A 74 6.38 -14.48 2.95
CA PRO A 74 5.42 -14.73 1.89
C PRO A 74 4.04 -14.22 2.22
N VAL A 75 3.52 -13.29 1.46
CA VAL A 75 2.31 -12.54 1.79
C VAL A 75 1.75 -12.22 0.40
N PRO A 76 0.42 -12.20 0.22
CA PRO A 76 0.11 -11.89 -1.18
C PRO A 76 0.25 -10.38 -1.50
N ARG A 77 0.45 -10.06 -2.77
CA ARG A 77 0.52 -8.69 -3.21
C ARG A 77 -0.77 -7.87 -3.07
N VAL A 78 -0.62 -6.62 -2.71
CA VAL A 78 -1.77 -5.76 -2.50
C VAL A 78 -2.22 -5.15 -3.82
N VAL A 79 -3.53 -5.08 -4.06
CA VAL A 79 -4.12 -4.40 -5.25
C VAL A 79 -4.59 -3.02 -4.78
N GLU A 80 -5.38 -2.95 -3.74
CA GLU A 80 -5.74 -1.65 -3.24
C GLU A 80 -6.32 -1.79 -1.86
N GLY A 81 -6.46 -0.67 -1.16
CA GLY A 81 -7.28 -0.63 0.04
C GLY A 81 -7.76 0.77 0.31
N GLY A 82 -8.84 0.98 1.08
CA GLY A 82 -9.24 2.33 1.33
C GLY A 82 -10.39 2.46 2.27
N GLY A 83 -10.99 3.63 2.22
CA GLY A 83 -12.05 3.99 3.17
C GLY A 83 -11.44 4.72 4.33
N ASP A 84 -12.01 4.50 5.51
CA ASP A 84 -11.74 5.30 6.71
C ASP A 84 -12.33 4.57 7.93
N GLU A 85 -12.26 5.21 9.09
CA GLU A 85 -13.03 4.72 10.24
C GLU A 85 -14.43 4.37 9.72
N ARG A 86 -15.09 3.41 10.37
CA ARG A 86 -16.48 3.01 9.98
C ARG A 86 -16.47 1.93 8.85
N VAL A 87 -16.08 2.30 7.62
CA VAL A 87 -15.88 1.30 6.52
C VAL A 87 -14.58 1.51 5.72
N ALA A 88 -13.79 0.43 5.62
CA ALA A 88 -12.64 0.38 4.64
C ALA A 88 -12.53 -0.98 4.03
N TRP A 89 -11.59 -1.15 3.14
CA TRP A 89 -11.43 -2.45 2.46
C TRP A 89 -10.08 -2.62 1.94
N LEU A 90 -9.79 -3.85 1.57
CA LEU A 90 -8.45 -4.23 1.10
C LEU A 90 -8.62 -5.34 0.04
N VAL A 91 -7.99 -5.16 -1.10
CA VAL A 91 -7.95 -6.17 -2.12
C VAL A 91 -6.49 -6.65 -2.32
N THR A 92 -6.31 -7.98 -2.36
CA THR A 92 -5.07 -8.59 -2.63
C THR A 92 -5.22 -9.71 -3.61
N GLU A 93 -4.12 -10.05 -4.26
CA GLU A 93 -4.08 -11.29 -5.01
C GLU A 93 -4.36 -12.40 -4.05
N ALA A 94 -5.11 -13.42 -4.48
CA ALA A 94 -5.45 -14.52 -3.62
C ALA A 94 -4.15 -15.26 -3.36
N VAL A 95 -4.03 -15.93 -2.21
CA VAL A 95 -2.84 -16.79 -1.88
C VAL A 95 -3.19 -18.23 -2.25
N PRO A 96 -2.37 -18.92 -3.07
CA PRO A 96 -2.84 -20.25 -3.43
C PRO A 96 -2.71 -21.18 -2.26
N GLY A 97 -3.25 -22.38 -2.38
CA GLY A 97 -3.01 -23.44 -1.49
C GLY A 97 -4.12 -23.63 -0.47
N ARG A 98 -3.81 -24.37 0.59
CA ARG A 98 -4.79 -24.76 1.56
C ARG A 98 -4.39 -24.21 2.95
N PRO A 99 -5.35 -23.67 3.68
CA PRO A 99 -4.99 -23.17 4.99
C PRO A 99 -4.65 -24.25 6.01
N ALA A 100 -3.75 -23.95 6.94
CA ALA A 100 -3.35 -24.86 8.01
C ALA A 100 -4.54 -25.34 8.92
N SER A 101 -5.54 -24.48 8.98
CA SER A 101 -6.95 -24.64 9.29
C SER A 101 -7.75 -25.82 8.67
N ALA A 102 -7.47 -26.19 7.44
CA ALA A 102 -8.26 -27.23 6.77
C ALA A 102 -7.90 -28.55 7.45
N ARG A 103 -8.70 -29.59 7.18
CA ARG A 103 -8.37 -30.94 7.63
C ARG A 103 -7.34 -31.49 6.63
N TRP A 104 -6.12 -31.65 7.07
CA TRP A 104 -5.07 -32.08 6.22
C TRP A 104 -4.97 -33.60 6.26
N PRO A 105 -4.48 -34.24 5.16
CA PRO A 105 -4.15 -35.65 5.26
C PRO A 105 -3.28 -35.91 6.47
N ARG A 106 -3.69 -36.90 7.25
CA ARG A 106 -3.02 -37.28 8.47
C ARG A 106 -1.52 -37.36 8.36
N GLU A 107 -1.03 -37.85 7.24
CA GLU A 107 0.40 -38.05 7.07
C GLU A 107 1.05 -36.74 6.78
N GLN A 108 0.29 -35.65 6.75
CA GLN A 108 0.90 -34.34 6.46
C GLN A 108 0.81 -33.40 7.69
N ARG A 109 -0.03 -33.75 8.64
CA ARG A 109 -0.23 -32.93 9.82
C ARG A 109 1.03 -32.48 10.54
N LEU A 110 1.99 -33.37 10.75
CA LEU A 110 3.26 -32.98 11.38
C LEU A 110 4.00 -32.02 10.50
N ASP A 111 4.03 -32.26 9.19
CA ASP A 111 4.68 -31.32 8.30
C ASP A 111 4.10 -29.86 8.35
N VAL A 112 2.79 -29.74 8.49
CA VAL A 112 2.11 -28.41 8.59
C VAL A 112 2.57 -27.74 9.86
N ALA A 113 2.57 -28.52 10.93
CA ALA A 113 3.09 -28.09 12.22
C ALA A 113 4.47 -27.53 12.11
N VAL A 114 5.35 -28.23 11.39
CA VAL A 114 6.74 -27.83 11.20
C VAL A 114 6.85 -26.61 10.33
N ALA A 115 6.05 -26.56 9.26
CA ALA A 115 6.07 -25.41 8.35
C ALA A 115 5.60 -24.17 9.13
N LEU A 116 4.62 -24.37 10.02
CA LEU A 116 4.13 -23.27 10.84
C LEU A 116 5.26 -22.71 11.69
N ALA A 117 5.97 -23.57 12.37
CA ALA A 117 7.14 -23.19 13.13
C ALA A 117 8.19 -22.46 12.28
N GLY A 118 8.41 -22.94 11.06
CA GLY A 118 9.39 -22.33 10.17
C GLY A 118 9.02 -20.93 9.76
N LEU A 119 7.73 -20.70 9.64
CA LEU A 119 7.24 -19.39 9.26
C LEU A 119 7.38 -18.46 10.47
N ALA A 120 7.02 -18.97 11.64
CA ALA A 120 7.26 -18.28 12.95
C ALA A 120 8.72 -17.83 13.12
N ARG A 121 9.64 -18.68 12.70
CA ARG A 121 11.07 -18.48 12.83
C ARG A 121 11.59 -17.42 11.84
N SER A 122 10.97 -17.36 10.68
CA SER A 122 11.40 -16.45 9.70
C SER A 122 10.86 -15.05 10.04
N LEU A 123 9.65 -15.00 10.54
CA LEU A 123 9.07 -13.75 11.03
C LEU A 123 9.95 -13.28 12.21
N HIS A 124 10.23 -14.17 13.16
CA HIS A 124 10.99 -13.74 14.34
C HIS A 124 12.44 -13.56 14.09
N ALA A 125 12.93 -13.83 12.86
CA ALA A 125 14.34 -13.57 12.51
C ALA A 125 14.53 -12.20 12.02
N LEU A 126 13.44 -11.52 11.63
CA LEU A 126 13.58 -10.13 11.22
C LEU A 126 14.16 -9.33 12.38
N ASP A 127 14.91 -8.28 12.10
CA ASP A 127 15.38 -7.43 13.15
C ASP A 127 14.22 -6.43 13.44
N TRP A 128 13.59 -6.52 14.61
CA TRP A 128 12.48 -5.62 14.93
C TRP A 128 12.77 -4.18 14.86
N GLU A 129 14.04 -3.77 14.96
CA GLU A 129 14.38 -2.35 14.78
C GLU A 129 14.20 -1.89 13.37
N ARG A 130 14.08 -2.78 12.39
CA ARG A 130 13.71 -2.36 11.04
C ARG A 130 12.19 -2.20 10.92
N CYS A 131 11.42 -2.68 11.88
CA CYS A 131 10.01 -2.88 11.60
C CYS A 131 9.31 -1.59 11.91
N PRO A 132 8.51 -1.06 11.00
CA PRO A 132 7.83 0.18 11.42
C PRO A 132 6.67 0.02 12.39
N PHE A 133 6.23 -1.19 12.68
CA PHE A 133 4.90 -1.28 13.27
C PHE A 133 5.15 -1.71 14.67
N ASP A 134 4.38 -1.19 15.61
CA ASP A 134 4.53 -1.49 17.00
C ASP A 134 3.22 -2.21 17.44
N ARG A 135 3.31 -3.43 17.94
CA ARG A 135 2.21 -4.03 18.65
C ARG A 135 2.62 -4.53 20.06
N SER A 136 3.46 -3.75 20.74
CA SER A 136 3.97 -4.15 22.04
C SER A 136 2.93 -3.94 23.12
N LEU A 137 3.25 -4.35 24.35
CA LEU A 137 2.33 -4.16 25.51
C LEU A 137 1.96 -2.71 25.78
N ALA A 138 2.87 -1.76 25.45
CA ALA A 138 2.44 -0.28 25.49
C ALA A 138 1.26 0.00 24.56
N VAL A 139 1.05 -0.79 23.54
CA VAL A 139 -0.10 -0.54 22.64
C VAL A 139 -1.25 -1.45 22.97
N THR A 140 -0.90 -2.69 23.22
CA THR A 140 -1.93 -3.71 23.28
C THR A 140 -2.69 -3.66 24.59
N VAL A 141 -2.04 -3.29 25.69
CA VAL A 141 -2.74 -3.30 26.98
C VAL A 141 -3.80 -2.15 27.00
N PRO A 142 -3.38 -0.90 26.73
CA PRO A 142 -4.43 0.08 26.48
C PRO A 142 -5.52 -0.36 25.48
N GLN A 143 -5.21 -1.05 24.39
CA GLN A 143 -6.35 -1.49 23.54
C GLN A 143 -7.32 -2.44 24.30
N ALA A 144 -6.79 -3.23 25.24
CA ALA A 144 -7.56 -4.19 26.00
C ALA A 144 -8.48 -3.41 26.98
N ALA A 145 -7.93 -2.50 27.75
CA ALA A 145 -8.77 -1.53 28.48
C ALA A 145 -9.84 -0.81 27.62
N ARG A 146 -9.53 -0.25 26.47
CA ARG A 146 -10.58 0.40 25.67
C ARG A 146 -11.65 -0.62 25.20
N ALA A 147 -11.26 -1.85 24.88
CA ALA A 147 -12.28 -2.81 24.39
C ALA A 147 -13.24 -3.09 25.54
N VAL A 148 -12.69 -3.36 26.72
CA VAL A 148 -13.50 -3.63 27.87
C VAL A 148 -14.48 -2.49 28.03
N ALA A 149 -13.95 -1.27 28.09
CA ALA A 149 -14.78 -0.11 28.40
C ALA A 149 -15.76 0.12 27.30
N GLU A 150 -15.45 -0.31 26.08
CA GLU A 150 -16.39 -0.33 24.96
C GLU A 150 -17.42 -1.46 24.99
N GLY A 151 -17.24 -2.44 25.86
CA GLY A 151 -18.07 -3.62 25.75
C GLY A 151 -17.94 -4.28 24.38
N SER A 152 -16.78 -4.11 23.73
CA SER A 152 -16.42 -4.85 22.51
C SER A 152 -15.72 -6.15 22.86
N VAL A 153 -15.54 -6.47 24.14
CA VAL A 153 -14.99 -7.79 24.49
C VAL A 153 -16.08 -8.85 24.53
N ASP A 154 -15.88 -9.90 23.72
CA ASP A 154 -16.78 -11.05 23.70
C ASP A 154 -16.63 -11.94 24.91
N LEU A 155 -17.41 -11.62 25.93
CA LEU A 155 -17.33 -12.26 27.25
C LEU A 155 -18.03 -13.63 27.19
N GLU A 156 -18.94 -13.79 26.23
CA GLU A 156 -19.69 -15.05 26.15
C GLU A 156 -18.87 -16.16 25.44
N ASP A 157 -17.67 -15.85 24.92
CA ASP A 157 -16.79 -16.91 24.31
C ASP A 157 -15.34 -16.72 24.70
N LEU A 158 -15.09 -16.72 26.01
CA LEU A 158 -13.76 -16.77 26.63
C LEU A 158 -13.39 -18.23 26.75
N ASP A 159 -12.20 -18.52 27.27
CA ASP A 159 -11.70 -19.88 27.44
C ASP A 159 -12.06 -20.42 28.84
N GLU A 160 -12.36 -21.71 28.89
CA GLU A 160 -13.03 -22.38 30.05
C GLU A 160 -12.62 -21.81 31.39
N GLU A 161 -11.33 -21.55 31.58
CA GLU A 161 -10.88 -21.06 32.87
C GLU A 161 -11.53 -19.72 33.25
N ARG A 162 -12.30 -19.09 32.35
CA ARG A 162 -12.92 -17.80 32.71
C ARG A 162 -14.36 -17.60 32.31
N LYS A 163 -15.10 -18.68 32.09
CA LYS A 163 -16.48 -18.51 31.62
C LYS A 163 -17.16 -17.59 32.66
N GLY A 164 -18.01 -16.68 32.20
CA GLY A 164 -18.68 -15.77 33.14
C GLY A 164 -17.85 -14.63 33.75
N TRP A 165 -16.54 -14.50 33.46
CA TRP A 165 -15.84 -13.26 33.93
C TRP A 165 -16.35 -12.01 33.26
N SER A 166 -16.29 -10.92 34.02
CA SER A 166 -16.68 -9.63 33.51
C SER A 166 -15.50 -9.13 32.74
N GLY A 167 -15.76 -8.24 31.81
CA GLY A 167 -14.68 -7.51 31.13
C GLY A 167 -13.68 -6.94 32.13
N GLU A 168 -14.20 -6.32 33.17
CA GLU A 168 -13.46 -5.58 34.18
C GLU A 168 -12.59 -6.53 35.00
N ARG A 169 -13.11 -7.72 35.27
CA ARG A 169 -12.30 -8.82 35.91
C ARG A 169 -11.23 -9.39 34.96
N LEU A 170 -11.54 -9.40 33.67
CA LEU A 170 -10.58 -9.87 32.64
C LEU A 170 -9.39 -8.92 32.62
N LEU A 171 -9.70 -7.65 32.50
CA LEU A 171 -8.70 -6.63 32.51
C LEU A 171 -7.92 -6.60 33.82
N ALA A 172 -8.57 -6.80 34.98
CA ALA A 172 -7.79 -6.98 36.26
C ALA A 172 -6.74 -8.12 36.08
N GLU A 173 -7.15 -9.24 35.45
CA GLU A 173 -6.24 -10.40 35.39
C GLU A 173 -5.07 -10.04 34.49
N LEU A 174 -5.38 -9.36 33.41
CA LEU A 174 -4.36 -8.95 32.42
C LEU A 174 -3.29 -8.02 33.01
N GLU A 175 -3.75 -6.94 33.67
CA GLU A 175 -2.88 -5.98 34.41
C GLU A 175 -2.09 -6.74 35.49
N ARG A 176 -2.73 -7.69 36.16
CA ARG A 176 -2.01 -8.39 37.25
C ARG A 176 -0.90 -9.29 36.78
N THR A 177 -1.17 -10.04 35.73
CA THR A 177 -0.18 -10.94 35.16
C THR A 177 0.75 -10.34 34.10
N ARG A 178 0.66 -9.07 33.75
CA ARG A 178 1.52 -8.64 32.62
C ARG A 178 2.98 -9.03 32.82
N PRO A 179 3.64 -9.53 31.77
CA PRO A 179 5.05 -9.87 31.95
C PRO A 179 5.97 -8.71 32.37
N ALA A 180 7.00 -9.08 33.12
CA ALA A 180 8.15 -8.22 33.45
C ALA A 180 8.92 -7.64 32.23
N ASP A 181 9.08 -8.45 31.18
CA ASP A 181 9.93 -8.10 30.03
C ASP A 181 9.20 -8.52 28.74
N GLU A 182 9.54 -7.91 27.60
CA GLU A 182 9.05 -8.32 26.29
C GLU A 182 10.28 -8.77 25.59
N ASP A 183 10.34 -10.02 25.17
CA ASP A 183 11.42 -10.50 24.32
C ASP A 183 11.03 -10.17 22.83
N LEU A 184 11.41 -9.01 22.31
CA LEU A 184 10.80 -8.51 21.10
C LEU A 184 11.23 -9.28 19.88
N ALA A 185 10.27 -9.48 18.99
CA ALA A 185 10.51 -9.90 17.61
C ALA A 185 9.38 -9.30 16.74
N VAL A 186 9.54 -9.35 15.44
CA VAL A 186 8.44 -8.99 14.54
C VAL A 186 7.45 -10.10 14.52
N CYS A 187 6.27 -9.79 15.11
CA CYS A 187 5.14 -10.73 15.26
C CYS A 187 3.99 -10.51 14.25
N HIS A 188 3.32 -11.60 13.86
CA HIS A 188 2.08 -11.50 13.15
C HIS A 188 0.97 -10.98 14.03
N GLY A 189 0.79 -11.63 15.17
CA GLY A 189 -0.15 -11.19 16.22
C GLY A 189 -1.52 -11.81 16.23
N ASP A 190 -1.84 -12.52 15.15
CA ASP A 190 -2.96 -13.48 15.15
C ASP A 190 -2.55 -14.74 14.35
N LEU A 191 -1.49 -15.40 14.84
CA LEU A 191 -0.88 -16.48 14.11
C LEU A 191 -1.58 -17.77 14.44
N CYS A 192 -2.66 -17.99 13.74
CA CYS A 192 -3.49 -19.13 13.92
C CYS A 192 -3.41 -19.83 12.57
N PRO A 193 -3.70 -21.11 12.55
CA PRO A 193 -3.58 -21.89 11.33
C PRO A 193 -4.51 -21.36 10.20
N ASP A 194 -5.55 -20.69 10.59
CA ASP A 194 -6.40 -19.99 9.70
C ASP A 194 -5.71 -18.97 8.85
N ASN A 195 -4.70 -18.30 9.33
CA ASN A 195 -4.05 -17.22 8.62
C ASN A 195 -2.78 -17.60 7.88
N VAL A 196 -2.57 -18.92 7.77
CA VAL A 196 -1.39 -19.47 7.05
C VAL A 196 -1.86 -20.49 6.03
N LEU A 197 -1.46 -20.25 4.80
CA LEU A 197 -1.85 -21.11 3.73
C LEU A 197 -0.59 -21.79 3.25
N LEU A 198 -0.76 -22.98 2.71
CA LEU A 198 0.34 -23.74 2.29
C LEU A 198 0.10 -24.63 1.06
N ASP A 199 1.18 -25.01 0.42
CA ASP A 199 1.02 -25.76 -0.84
C ASP A 199 0.49 -27.16 -0.45
N PRO A 200 -0.58 -27.66 -1.08
CA PRO A 200 -1.09 -28.99 -0.63
C PRO A 200 -0.14 -30.17 -0.88
N ARG A 201 0.84 -29.99 -1.75
CA ARG A 201 1.79 -31.04 -2.02
C ARG A 201 2.99 -30.95 -1.16
N THR A 202 3.59 -29.77 -0.96
CA THR A 202 4.90 -29.79 -0.27
C THR A 202 4.78 -29.32 1.19
N CYS A 203 3.60 -28.80 1.56
CA CYS A 203 3.48 -28.01 2.83
C CYS A 203 4.40 -26.75 2.87
N GLU A 204 4.93 -26.26 1.72
CA GLU A 204 5.62 -25.00 1.80
C GLU A 204 4.54 -24.00 2.19
N VAL A 205 4.88 -23.04 3.03
CA VAL A 205 4.00 -21.95 3.25
C VAL A 205 3.90 -21.08 1.98
N THR A 206 2.69 -20.79 1.50
CA THR A 206 2.52 -19.98 0.31
C THR A 206 2.14 -18.57 0.65
N GLY A 207 1.57 -18.28 1.82
CA GLY A 207 1.16 -16.90 2.10
C GLY A 207 0.70 -16.75 3.54
N LEU A 208 0.93 -15.59 4.14
CA LEU A 208 0.29 -15.27 5.39
C LEU A 208 -0.74 -14.27 5.15
N ILE A 209 -1.89 -14.44 5.80
CA ILE A 209 -2.99 -13.45 5.68
C ILE A 209 -3.37 -12.84 7.00
N ASP A 210 -4.25 -11.82 6.97
CA ASP A 210 -4.76 -11.18 8.19
C ASP A 210 -3.60 -10.65 9.10
N VAL A 211 -2.71 -9.84 8.51
CA VAL A 211 -1.48 -9.28 9.07
C VAL A 211 -1.76 -7.96 9.72
N GLY A 212 -3.00 -7.70 10.05
CA GLY A 212 -3.38 -6.40 10.55
C GLY A 212 -2.69 -6.06 11.85
N ARG A 213 -2.28 -7.08 12.64
CA ARG A 213 -1.58 -6.82 13.92
C ARG A 213 -0.10 -6.96 13.91
N VAL A 214 0.48 -7.11 12.71
CA VAL A 214 1.90 -7.20 12.59
C VAL A 214 2.55 -6.02 13.30
N GLY A 215 3.67 -6.27 13.95
CA GLY A 215 4.35 -5.27 14.72
C GLY A 215 5.26 -5.98 15.71
N ARG A 216 6.14 -5.20 16.28
CA ARG A 216 6.95 -5.74 17.34
C ARG A 216 6.17 -6.04 18.63
N ALA A 217 6.50 -7.20 19.17
CA ALA A 217 5.90 -7.70 20.38
C ALA A 217 6.71 -8.91 20.86
N ASP A 218 6.39 -9.39 22.04
CA ASP A 218 7.06 -10.59 22.52
C ASP A 218 6.76 -11.67 21.56
N ARG A 219 7.77 -12.37 21.10
CA ARG A 219 7.54 -13.58 20.34
C ARG A 219 6.48 -14.48 20.93
N HIS A 220 6.32 -14.53 22.26
CA HIS A 220 5.24 -15.38 22.84
C HIS A 220 3.88 -14.94 22.39
N SER A 221 3.75 -13.73 21.87
CA SER A 221 2.41 -13.37 21.34
C SER A 221 2.02 -14.24 20.15
N ASP A 222 3.02 -14.74 19.40
CA ASP A 222 2.77 -15.63 18.27
C ASP A 222 2.69 -17.09 18.70
N LEU A 223 3.65 -17.45 19.58
CA LEU A 223 3.69 -18.83 20.11
C LEU A 223 2.41 -19.24 20.82
N ALA A 224 1.82 -18.31 21.58
CA ALA A 224 0.67 -18.57 22.40
C ALA A 224 -0.45 -19.01 21.52
N LEU A 225 -0.68 -18.27 20.41
CA LEU A 225 -1.89 -18.52 19.68
C LEU A 225 -1.71 -19.70 18.80
N VAL A 226 -0.59 -19.83 18.15
CA VAL A 226 -0.36 -21.01 17.37
C VAL A 226 -0.48 -22.24 18.23
N LEU A 227 0.05 -22.20 19.48
CA LEU A 227 0.04 -23.46 20.32
C LEU A 227 -1.32 -23.73 20.89
N ARG A 228 -2.11 -22.68 21.14
CA ARG A 228 -3.47 -22.87 21.58
C ARG A 228 -4.27 -23.56 20.49
N GLU A 229 -4.01 -23.24 19.22
CA GLU A 229 -4.72 -23.92 18.11
C GLU A 229 -4.13 -25.33 17.86
N LEU A 230 -2.83 -25.47 17.74
CA LEU A 230 -2.19 -26.77 17.54
C LEU A 230 -2.54 -27.84 18.58
N ALA A 231 -2.97 -27.43 19.78
CA ALA A 231 -3.40 -28.37 20.86
C ALA A 231 -4.62 -29.21 20.47
N HIS A 232 -5.48 -28.64 19.64
CA HIS A 232 -6.67 -29.32 19.11
C HIS A 232 -6.33 -30.47 18.17
N GLU A 233 -7.24 -31.44 18.13
CA GLU A 233 -7.14 -32.64 17.29
C GLU A 233 -8.25 -32.67 16.23
N GLU A 234 -9.29 -31.88 16.44
CA GLU A 234 -10.36 -31.67 15.49
C GLU A 234 -10.56 -30.14 15.39
N ASP A 235 -10.56 -29.63 14.16
CA ASP A 235 -10.96 -28.27 13.82
C ASP A 235 -10.25 -27.24 14.71
N PRO A 236 -8.90 -27.13 14.60
CA PRO A 236 -7.99 -27.76 13.65
C PRO A 236 -7.44 -29.16 14.03
N TRP A 237 -6.89 -29.79 13.02
CA TRP A 237 -6.56 -31.19 13.09
C TRP A 237 -5.11 -31.36 13.37
N PHE A 238 -4.75 -31.07 14.60
CA PHE A 238 -3.38 -31.11 15.04
C PHE A 238 -3.30 -32.03 16.26
N GLY A 239 -2.59 -31.63 17.30
CA GLY A 239 -2.72 -32.27 18.61
C GLY A 239 -1.39 -32.24 19.29
N PRO A 240 -1.24 -33.08 20.34
CA PRO A 240 -0.08 -32.95 21.22
C PRO A 240 1.25 -33.17 20.48
N GLU A 241 1.23 -34.05 19.50
CA GLU A 241 2.45 -34.36 18.76
C GLU A 241 2.86 -33.26 17.78
N CYS A 242 1.89 -32.68 17.14
CA CYS A 242 2.12 -31.50 16.34
C CYS A 242 2.68 -30.37 17.14
N SER A 243 2.16 -30.14 18.35
CA SER A 243 2.73 -29.05 19.20
C SER A 243 4.14 -29.31 19.60
N ALA A 244 4.47 -30.52 20.05
CA ALA A 244 5.88 -30.94 20.14
C ALA A 244 6.68 -30.74 18.82
N ALA A 245 6.12 -31.11 17.68
CA ALA A 245 6.86 -30.89 16.42
C ALA A 245 7.03 -29.38 16.13
N PHE A 246 5.98 -28.59 16.29
CA PHE A 246 6.18 -27.15 16.21
C PHE A 246 7.26 -26.68 17.18
N LEU A 247 7.26 -27.19 18.41
CA LEU A 247 8.25 -26.68 19.37
C LEU A 247 9.67 -27.14 19.11
N ARG A 248 9.85 -28.37 18.64
CA ARG A 248 11.22 -28.85 18.22
C ARG A 248 11.76 -28.00 17.07
N GLU A 249 10.97 -27.80 16.02
CA GLU A 249 11.36 -26.93 14.90
C GLU A 249 11.58 -25.48 15.32
N TYR A 250 10.65 -24.90 16.08
CA TYR A 250 10.91 -23.50 16.46
C TYR A 250 12.18 -23.39 17.26
N GLY A 251 12.40 -24.31 18.20
CA GLY A 251 13.68 -24.36 18.93
C GLY A 251 15.00 -24.38 18.13
N ARG A 252 14.97 -24.71 16.85
CA ARG A 252 16.25 -24.74 16.09
C ARG A 252 17.24 -23.52 15.95
N GLY A 253 16.92 -22.33 15.40
CA GLY A 253 15.67 -21.58 15.57
C GLY A 253 15.93 -20.52 16.64
N TRP A 254 15.72 -20.92 17.90
CA TRP A 254 15.85 -20.04 19.04
C TRP A 254 16.12 -20.88 20.25
N ASP A 255 17.28 -20.65 20.84
CA ASP A 255 17.81 -21.47 21.94
C ASP A 255 17.02 -21.31 23.29
N GLY A 256 16.32 -20.17 23.50
CA GLY A 256 15.35 -20.10 24.61
C GLY A 256 14.41 -21.31 24.47
N ALA A 257 13.59 -21.68 25.45
CA ALA A 257 13.28 -20.97 26.69
C ALA A 257 11.80 -20.62 26.67
N VAL A 258 10.94 -21.50 26.17
CA VAL A 258 9.56 -21.13 25.97
C VAL A 258 8.83 -21.06 27.29
N SER A 259 8.32 -19.89 27.70
CA SER A 259 7.65 -19.71 29.04
C SER A 259 6.13 -19.97 29.07
N GLU A 260 5.69 -20.91 29.89
CA GLU A 260 4.30 -21.23 29.93
C GLU A 260 3.49 -20.02 30.51
N GLU A 261 4.11 -19.20 31.35
CA GLU A 261 3.45 -18.03 31.93
C GLU A 261 3.16 -16.95 30.84
N LYS A 262 4.15 -16.69 29.98
CA LYS A 262 3.99 -15.77 28.79
C LYS A 262 2.91 -16.33 27.85
N LEU A 263 2.91 -17.61 27.64
CA LEU A 263 1.85 -18.15 26.77
C LEU A 263 0.50 -17.89 27.39
N ALA A 264 0.40 -18.17 28.68
CA ALA A 264 -0.86 -17.93 29.38
C ALA A 264 -1.29 -16.47 29.23
N PHE A 265 -0.32 -15.57 29.35
CA PHE A 265 -0.58 -14.16 29.28
C PHE A 265 -1.01 -13.78 27.88
N TYR A 266 -0.41 -14.33 26.86
CA TYR A 266 -0.76 -13.91 25.50
C TYR A 266 -2.01 -14.60 25.00
N ARG A 267 -2.38 -15.74 25.59
CA ARG A 267 -3.68 -16.31 25.36
C ARG A 267 -4.77 -15.43 25.99
N LEU A 268 -4.51 -14.89 27.17
CA LEU A 268 -5.45 -14.01 27.87
C LEU A 268 -5.59 -12.67 27.15
N LEU A 269 -4.45 -12.11 26.78
CA LEU A 269 -4.56 -10.88 25.95
C LEU A 269 -5.48 -11.00 24.75
N ASP A 270 -5.42 -12.16 24.13
CA ASP A 270 -6.12 -12.36 22.90
C ASP A 270 -7.62 -12.45 23.10
N GLU A 271 -8.07 -12.77 24.31
CA GLU A 271 -9.47 -12.80 24.57
C GLU A 271 -10.10 -11.43 24.41
N PHE A 272 -9.28 -10.39 24.45
CA PHE A 272 -9.78 -9.00 24.41
C PHE A 272 -10.03 -8.52 23.00
N PHE A 273 -9.55 -9.27 22.04
CA PHE A 273 -9.63 -8.87 20.66
C PHE A 273 -10.51 -9.77 19.82
N HIS B 3 12.46 22.44 11.29
CA HIS B 3 11.81 21.11 11.39
C HIS B 3 11.02 20.98 12.70
N HIS B 4 9.72 20.75 12.62
CA HIS B 4 8.90 20.53 13.81
C HIS B 4 9.03 19.12 14.44
N HIS B 5 8.44 18.93 15.63
CA HIS B 5 8.65 17.71 16.44
C HIS B 5 8.27 16.47 15.75
N HIS B 6 7.09 16.51 15.13
CA HIS B 6 6.45 15.35 14.51
C HIS B 6 7.24 14.94 13.32
N MET B 7 7.72 15.94 12.57
CA MET B 7 8.63 15.74 11.44
C MET B 7 9.89 15.10 11.92
N ASP B 8 10.45 15.66 12.96
CA ASP B 8 11.70 15.14 13.45
C ASP B 8 11.60 13.73 14.00
N ASP B 9 10.49 13.46 14.65
CA ASP B 9 10.35 12.15 15.23
C ASP B 9 10.25 11.11 14.11
N ALA B 10 9.51 11.43 13.06
CA ALA B 10 9.40 10.57 11.87
C ALA B 10 10.74 10.32 11.18
N LEU B 11 11.52 11.39 10.97
CA LEU B 11 12.84 11.26 10.38
C LEU B 11 13.76 10.40 11.17
N ARG B 12 13.76 10.64 12.49
CA ARG B 12 14.57 9.86 13.44
C ARG B 12 14.16 8.37 13.46
N ALA B 13 12.85 8.06 13.52
CA ALA B 13 12.43 6.63 13.33
C ALA B 13 12.90 6.08 12.00
N LEU B 14 12.87 6.90 10.97
CA LEU B 14 13.30 6.43 9.62
C LEU B 14 14.75 6.02 9.61
N ARG B 15 15.57 6.89 10.22
CA ARG B 15 16.94 6.59 10.32
C ARG B 15 17.23 5.28 11.02
N GLY B 16 16.59 5.11 12.17
CA GLY B 16 16.78 3.93 12.92
C GLY B 16 16.40 2.69 12.09
N ARG B 17 15.40 2.81 11.21
CA ARG B 17 14.93 1.63 10.49
C ARG B 17 15.83 1.30 9.33
N TYR B 18 16.58 2.31 8.82
CA TYR B 18 17.52 2.12 7.69
C TYR B 18 18.97 2.44 8.11
N PRO B 19 19.46 1.78 9.15
CA PRO B 19 20.71 2.31 9.72
C PRO B 19 21.89 2.05 8.78
N GLY B 20 22.92 2.87 8.89
CA GLY B 20 24.04 2.73 7.95
C GLY B 20 23.67 2.95 6.46
N CYS B 21 22.57 3.65 6.23
CA CYS B 21 22.32 4.29 4.95
C CYS B 21 22.71 5.73 5.20
N GLU B 22 23.49 6.30 4.27
CA GLU B 22 23.84 7.70 4.28
C GLU B 22 22.72 8.39 3.54
N TRP B 23 22.29 9.50 4.11
CA TRP B 23 21.20 10.30 3.56
C TRP B 23 21.66 11.53 2.84
N VAL B 24 20.99 11.85 1.74
CA VAL B 24 21.13 13.17 1.08
C VAL B 24 19.78 13.70 0.71
N VAL B 25 19.59 15.00 0.81
CA VAL B 25 18.37 15.61 0.27
C VAL B 25 18.56 15.83 -1.23
N VAL B 26 17.84 15.09 -2.07
CA VAL B 26 17.57 15.43 -3.52
C VAL B 26 16.29 16.22 -3.33
N GLU B 27 15.79 17.04 -4.19
CA GLU B 27 14.53 17.74 -3.71
C GLU B 27 14.47 18.26 -2.25
N ASP B 28 14.66 19.56 -2.04
CA ASP B 28 14.51 20.14 -0.70
C ASP B 28 13.05 20.11 -0.32
N GLY B 29 12.49 21.15 0.27
CA GLY B 29 11.18 21.00 0.87
C GLY B 29 11.18 21.65 2.24
N ALA B 30 10.00 22.08 2.68
CA ALA B 30 9.86 22.87 3.89
C ALA B 30 10.00 22.05 5.18
N SER B 31 11.14 22.26 5.88
CA SER B 31 11.28 21.94 7.30
C SER B 31 11.26 20.46 7.58
N GLY B 32 12.12 19.71 6.89
CA GLY B 32 12.12 18.22 6.93
C GLY B 32 11.46 17.55 5.73
N ALA B 33 10.41 18.17 5.16
CA ALA B 33 9.72 17.62 4.07
C ALA B 33 10.63 17.60 2.83
N GLY B 34 10.46 16.58 2.04
CA GLY B 34 11.14 16.49 0.79
C GLY B 34 11.43 15.05 0.42
N VAL B 35 12.36 14.93 -0.50
CA VAL B 35 12.76 13.63 -0.98
C VAL B 35 14.22 13.52 -0.63
N TYR B 36 14.56 12.36 -0.08
CA TYR B 36 15.85 11.99 0.40
C TYR B 36 16.23 10.69 -0.31
N ARG B 37 17.51 10.57 -0.67
CA ARG B 37 18.08 9.39 -1.26
C ARG B 37 19.00 8.81 -0.24
N LEU B 38 18.91 7.49 -0.05
CA LEU B 38 19.57 6.78 1.01
C LEU B 38 20.48 5.75 0.36
N ARG B 39 21.76 5.67 0.72
CA ARG B 39 22.63 4.68 0.12
C ARG B 39 23.43 3.96 1.15
N GLY B 40 23.73 2.70 0.82
CA GLY B 40 24.38 1.76 1.71
C GLY B 40 23.25 0.84 2.13
N GLY B 41 23.43 -0.47 2.05
CA GLY B 41 24.56 -1.16 1.43
C GLY B 41 23.92 -2.47 1.05
N GLY B 42 23.81 -2.77 -0.24
CA GLY B 42 24.02 -1.82 -1.35
C GLY B 42 22.64 -1.49 -1.89
N ARG B 43 21.84 -0.91 -1.02
CA ARG B 43 20.52 -0.41 -1.38
C ARG B 43 20.63 1.06 -1.80
N GLU B 44 20.00 1.40 -2.92
CA GLU B 44 19.62 2.77 -3.12
C GLU B 44 18.13 2.79 -2.80
N LEU B 45 17.74 3.59 -1.83
CA LEU B 45 16.31 3.86 -1.54
C LEU B 45 15.99 5.31 -1.66
N PHE B 46 14.72 5.60 -1.86
CA PHE B 46 14.27 6.96 -1.73
C PHE B 46 13.25 7.11 -0.60
N VAL B 47 13.29 8.22 0.14
CA VAL B 47 12.28 8.56 1.14
C VAL B 47 11.60 9.91 0.89
N LYS B 48 10.29 9.95 0.65
CA LYS B 48 9.61 11.23 0.72
C LYS B 48 8.96 11.35 2.04
N VAL B 49 9.05 12.56 2.56
CA VAL B 49 8.36 12.99 3.72
C VAL B 49 7.60 14.27 3.40
N ALA B 50 6.43 14.41 4.05
CA ALA B 50 5.74 15.72 4.10
C ALA B 50 4.73 15.69 5.26
N ALA B 51 4.17 16.82 5.70
CA ALA B 51 4.36 18.21 5.29
C ALA B 51 3.01 18.57 5.86
N LEU B 52 2.01 17.75 5.52
CA LEU B 52 0.86 17.56 6.41
C LEU B 52 -0.44 17.98 5.76
N GLY B 53 -0.88 17.26 4.76
CA GLY B 53 -1.77 17.78 3.72
C GLY B 53 -1.08 17.52 2.38
N ALA B 54 0.25 17.56 2.43
CA ALA B 54 1.08 16.80 1.51
C ALA B 54 1.41 15.41 2.15
N GLY B 55 0.63 15.03 3.20
CA GLY B 55 0.84 13.79 4.00
C GLY B 55 -0.10 12.73 3.46
N VAL B 56 -1.38 13.10 3.47
CA VAL B 56 -2.44 12.38 2.77
C VAL B 56 -2.19 12.19 1.24
N GLY B 57 -1.58 13.16 0.59
CA GLY B 57 -1.14 13.01 -0.75
C GLY B 57 -0.15 11.88 -0.85
N LEU B 58 0.81 11.88 0.07
CA LEU B 58 1.82 10.83 0.14
C LEU B 58 1.25 9.47 0.43
N LEU B 59 0.28 9.35 1.34
CA LEU B 59 -0.36 8.04 1.53
C LEU B 59 -1.14 7.57 0.27
N GLY B 60 -1.81 8.52 -0.38
CA GLY B 60 -2.43 8.29 -1.66
C GLY B 60 -1.42 7.80 -2.70
N GLU B 61 -0.17 8.23 -2.60
CA GLU B 61 0.80 8.02 -3.64
C GLU B 61 1.31 6.66 -3.43
N ALA B 62 1.37 6.22 -2.16
CA ALA B 62 1.74 4.85 -1.80
C ALA B 62 0.71 3.88 -2.43
N GLU B 63 -0.56 4.23 -2.29
CA GLU B 63 -1.62 3.38 -2.86
C GLU B 63 -1.58 3.33 -4.35
N ARG B 64 -1.23 4.45 -5.00
CA ARG B 64 -1.18 4.40 -6.45
C ARG B 64 0.02 3.59 -6.96
N LEU B 65 1.13 3.68 -6.28
CA LEU B 65 2.34 2.94 -6.63
C LEU B 65 2.10 1.41 -6.49
N VAL B 66 1.42 1.03 -5.42
CA VAL B 66 1.13 -0.39 -5.18
C VAL B 66 0.16 -0.81 -6.21
N TRP B 67 -0.92 -0.02 -6.45
CA TRP B 67 -1.90 -0.34 -7.50
C TRP B 67 -1.30 -0.54 -8.88
N LEU B 68 -0.53 0.46 -9.33
CA LEU B 68 0.12 0.44 -10.64
C LEU B 68 0.99 -0.79 -10.87
N ALA B 69 1.78 -1.11 -9.86
CA ALA B 69 2.68 -2.26 -9.90
C ALA B 69 1.86 -3.49 -10.12
N GLU B 70 0.75 -3.62 -9.37
CA GLU B 70 -0.13 -4.75 -9.54
C GLU B 70 -0.61 -4.89 -10.98
N VAL B 71 -0.95 -3.77 -11.60
CA VAL B 71 -1.62 -3.81 -12.91
C VAL B 71 -0.60 -3.78 -14.06
N GLY B 72 0.68 -3.87 -13.73
CA GLY B 72 1.69 -4.18 -14.73
C GLY B 72 2.45 -2.97 -15.28
N ILE B 73 2.37 -1.79 -14.63
CA ILE B 73 3.10 -0.61 -15.08
C ILE B 73 4.37 -0.59 -14.32
N PRO B 74 5.51 -0.27 -14.97
CA PRO B 74 6.79 -0.38 -14.21
C PRO B 74 6.97 0.83 -13.25
N VAL B 75 7.01 0.61 -11.98
CA VAL B 75 6.98 1.72 -11.00
C VAL B 75 7.90 1.26 -9.84
N PRO B 76 8.44 2.17 -9.04
CA PRO B 76 9.29 1.62 -7.97
C PRO B 76 8.53 0.83 -6.96
N ARG B 77 9.15 -0.20 -6.42
CA ARG B 77 8.55 -1.00 -5.35
C ARG B 77 8.57 -0.24 -4.04
N VAL B 78 7.48 -0.39 -3.29
CA VAL B 78 7.36 0.22 -1.99
C VAL B 78 8.02 -0.65 -0.92
N VAL B 79 8.87 -0.03 -0.10
CA VAL B 79 9.54 -0.75 0.97
C VAL B 79 8.61 -0.57 2.17
N GLU B 80 8.11 0.67 2.35
CA GLU B 80 7.32 1.04 3.48
C GLU B 80 6.52 2.31 3.19
N GLY B 81 5.30 2.41 3.67
CA GLY B 81 4.58 3.67 3.64
C GLY B 81 4.00 3.84 5.00
N GLY B 82 3.76 5.08 5.42
CA GLY B 82 3.18 5.26 6.76
C GLY B 82 2.86 6.68 7.11
N GLY B 83 2.17 6.84 8.25
CA GLY B 83 2.04 8.13 8.92
C GLY B 83 0.63 8.62 8.90
N ASP B 84 0.42 9.93 8.97
CA ASP B 84 -0.97 10.47 8.94
C ASP B 84 -1.08 11.86 8.33
N GLU B 85 -2.15 12.58 8.64
CA GLU B 85 -2.49 13.85 7.95
C GLU B 85 -1.39 14.82 8.23
N ARG B 86 -0.88 14.73 9.47
CA ARG B 86 0.21 15.57 9.99
C ARG B 86 1.57 15.33 9.30
N VAL B 87 2.04 14.06 9.34
CA VAL B 87 3.34 13.68 8.78
C VAL B 87 3.15 12.27 8.19
N ALA B 88 3.56 12.05 6.95
CA ALA B 88 3.54 10.73 6.37
C ALA B 88 4.80 10.59 5.60
N TRP B 89 5.09 9.33 5.20
CA TRP B 89 6.25 9.02 4.42
C TRP B 89 6.05 7.85 3.50
N LEU B 90 6.95 7.73 2.54
CA LEU B 90 6.92 6.69 1.55
C LEU B 90 8.34 6.39 1.18
N VAL B 91 8.75 5.20 1.54
CA VAL B 91 10.09 4.72 1.24
C VAL B 91 9.91 3.77 0.05
N THR B 92 10.67 4.02 -1.01
CA THR B 92 10.71 3.20 -2.21
C THR B 92 12.11 2.71 -2.62
N GLU B 93 12.22 1.55 -3.35
CA GLU B 93 13.44 1.16 -4.06
C GLU B 93 13.78 2.09 -5.22
N ALA B 94 15.03 2.50 -5.35
CA ALA B 94 15.47 3.32 -6.49
C ALA B 94 15.22 2.56 -7.79
N VAL B 95 14.67 3.21 -8.80
CA VAL B 95 14.50 2.69 -10.15
C VAL B 95 15.80 2.90 -10.95
N PRO B 96 16.34 1.86 -11.60
CA PRO B 96 17.52 2.17 -12.43
C PRO B 96 17.14 2.96 -13.66
N GLY B 97 18.08 3.78 -14.15
CA GLY B 97 17.99 4.37 -15.47
C GLY B 97 18.22 5.86 -15.48
N ARG B 98 17.87 6.47 -16.60
CA ARG B 98 18.08 7.91 -16.78
C ARG B 98 16.74 8.58 -17.09
N PRO B 99 16.47 9.73 -16.47
CA PRO B 99 15.23 10.46 -16.79
C PRO B 99 15.16 10.90 -18.26
N ALA B 100 13.95 10.92 -18.81
CA ALA B 100 13.73 11.41 -20.16
C ALA B 100 14.05 12.88 -20.25
N SER B 101 14.16 13.52 -19.11
CA SER B 101 14.40 14.95 -19.04
C SER B 101 15.91 15.29 -19.04
N ALA B 102 16.73 14.29 -18.78
CA ALA B 102 18.14 14.46 -19.01
C ALA B 102 18.39 14.65 -20.51
N ARG B 103 19.48 15.35 -20.81
CA ARG B 103 19.97 15.53 -22.15
C ARG B 103 20.43 14.20 -22.70
N TRP B 104 19.63 13.59 -23.58
CA TRP B 104 20.02 12.33 -24.27
C TRP B 104 20.80 12.62 -25.56
N PRO B 105 21.60 11.66 -26.00
CA PRO B 105 22.27 11.83 -27.28
C PRO B 105 21.30 11.94 -28.42
N ARG B 106 21.58 12.87 -29.31
CA ARG B 106 20.71 13.08 -30.50
C ARG B 106 20.18 11.85 -31.15
N GLU B 107 21.00 10.82 -31.25
CA GLU B 107 20.58 9.69 -32.01
C GLU B 107 19.55 8.92 -31.29
N GLN B 108 19.30 9.27 -30.01
CA GLN B 108 18.26 8.58 -29.24
C GLN B 108 17.08 9.45 -28.93
N ARG B 109 17.15 10.73 -29.26
CA ARG B 109 16.05 11.60 -28.90
C ARG B 109 14.67 11.13 -29.42
N LEU B 110 14.61 10.73 -30.69
CA LEU B 110 13.38 10.14 -31.18
C LEU B 110 13.08 8.86 -30.46
N ASP B 111 14.06 8.02 -30.13
CA ASP B 111 13.67 6.76 -29.46
C ASP B 111 13.06 7.08 -28.05
N VAL B 112 13.46 8.19 -27.44
CA VAL B 112 12.94 8.53 -26.08
C VAL B 112 11.48 9.02 -26.24
N ALA B 113 11.22 9.89 -27.23
CA ALA B 113 9.91 10.38 -27.45
C ALA B 113 8.96 9.24 -27.86
N VAL B 114 9.45 8.29 -28.63
CA VAL B 114 8.64 7.15 -29.00
C VAL B 114 8.40 6.32 -27.77
N ALA B 115 9.42 6.11 -26.96
CA ALA B 115 9.23 5.22 -25.77
C ALA B 115 8.23 5.85 -24.79
N LEU B 116 8.33 7.18 -24.61
CA LEU B 116 7.34 7.96 -23.90
C LEU B 116 5.94 7.73 -24.43
N ALA B 117 5.79 7.68 -25.73
CA ALA B 117 4.48 7.49 -26.29
C ALA B 117 3.87 6.14 -25.93
N GLY B 118 4.74 5.13 -25.85
CA GLY B 118 4.33 3.76 -25.61
C GLY B 118 3.95 3.60 -24.15
N LEU B 119 4.75 4.18 -23.28
CA LEU B 119 4.33 4.25 -21.93
C LEU B 119 2.92 4.91 -21.83
N ALA B 120 2.65 6.05 -22.48
CA ALA B 120 1.34 6.72 -22.30
C ALA B 120 0.19 5.81 -22.82
N ARG B 121 0.43 5.09 -23.91
CA ARG B 121 -0.62 4.31 -24.53
C ARG B 121 -0.90 3.18 -23.56
N SER B 122 0.14 2.59 -23.01
CA SER B 122 -0.02 1.42 -22.10
C SER B 122 -0.79 1.79 -20.84
N LEU B 123 -0.66 3.01 -20.40
CA LEU B 123 -1.32 3.43 -19.24
C LEU B 123 -2.77 3.73 -19.62
N HIS B 124 -2.96 4.37 -20.77
CA HIS B 124 -4.29 4.72 -21.21
C HIS B 124 -5.04 3.54 -21.83
N ALA B 125 -4.34 2.43 -22.08
CA ALA B 125 -4.96 1.17 -22.55
C ALA B 125 -5.68 0.48 -21.41
N LEU B 126 -5.33 0.86 -20.15
CA LEU B 126 -5.90 0.26 -18.97
C LEU B 126 -7.36 0.60 -18.89
N ASP B 127 -8.16 -0.36 -18.46
CA ASP B 127 -9.58 -0.20 -18.46
C ASP B 127 -9.76 0.67 -17.25
N TRP B 128 -10.22 1.93 -17.42
CA TRP B 128 -10.29 2.89 -16.34
C TRP B 128 -11.23 2.54 -15.28
N GLU B 129 -12.23 1.74 -15.63
CA GLU B 129 -13.17 1.19 -14.64
C GLU B 129 -12.53 0.41 -13.50
N ARG B 130 -11.37 -0.19 -13.75
CA ARG B 130 -10.63 -0.90 -12.70
C ARG B 130 -9.93 0.01 -11.70
N CYS B 131 -9.77 1.26 -12.07
CA CYS B 131 -8.82 2.11 -11.38
C CYS B 131 -9.54 2.74 -10.25
N PRO B 132 -8.98 2.62 -9.04
CA PRO B 132 -9.63 3.18 -7.86
C PRO B 132 -9.59 4.68 -7.70
N PHE B 133 -8.82 5.35 -8.51
CA PHE B 133 -8.38 6.69 -8.18
C PHE B 133 -9.08 7.55 -9.18
N ASP B 134 -9.60 8.67 -8.71
CA ASP B 134 -10.37 9.58 -9.56
C ASP B 134 -9.71 10.94 -9.72
N ARG B 135 -9.32 11.34 -10.91
CA ARG B 135 -8.82 12.68 -11.06
C ARG B 135 -9.51 13.43 -12.22
N SER B 136 -10.83 13.25 -12.27
CA SER B 136 -11.60 13.74 -13.37
C SER B 136 -11.96 15.22 -13.18
N LEU B 137 -12.65 15.79 -14.17
CA LEU B 137 -12.95 17.22 -14.11
C LEU B 137 -13.68 17.59 -12.85
N ALA B 138 -14.67 16.75 -12.48
CA ALA B 138 -15.44 16.87 -11.22
C ALA B 138 -14.60 17.02 -9.99
N VAL B 139 -13.38 16.52 -10.04
CA VAL B 139 -12.48 16.63 -8.89
C VAL B 139 -11.59 17.83 -9.14
N THR B 140 -11.07 17.95 -10.37
CA THR B 140 -10.01 18.95 -10.60
C THR B 140 -10.49 20.37 -10.75
N VAL B 141 -11.64 20.60 -11.40
CA VAL B 141 -12.07 21.99 -11.63
C VAL B 141 -12.43 22.65 -10.31
N PRO B 142 -13.15 21.94 -9.42
CA PRO B 142 -13.37 22.51 -8.12
C PRO B 142 -12.11 22.81 -7.34
N GLN B 143 -11.05 22.00 -7.49
CA GLN B 143 -9.77 22.29 -6.79
C GLN B 143 -9.04 23.46 -7.45
N ALA B 144 -9.30 23.65 -8.74
CA ALA B 144 -8.74 24.81 -9.42
C ALA B 144 -9.43 26.06 -8.84
N ALA B 145 -10.76 26.07 -8.80
CA ALA B 145 -11.50 27.23 -8.24
C ALA B 145 -11.00 27.47 -6.79
N ARG B 146 -10.82 26.39 -6.04
CA ARG B 146 -10.35 26.56 -4.69
C ARG B 146 -8.94 27.13 -4.62
N ALA B 147 -8.07 26.68 -5.54
CA ALA B 147 -6.69 27.15 -5.50
C ALA B 147 -6.61 28.66 -5.81
N VAL B 148 -7.53 29.16 -6.63
CA VAL B 148 -7.65 30.59 -6.89
C VAL B 148 -8.06 31.34 -5.58
N ALA B 149 -9.06 30.81 -4.88
CA ALA B 149 -9.58 31.39 -3.63
C ALA B 149 -8.55 31.44 -2.55
N GLU B 150 -7.73 30.41 -2.44
CA GLU B 150 -6.72 30.36 -1.41
C GLU B 150 -5.50 31.12 -1.73
N GLY B 151 -5.38 31.64 -2.94
CA GLY B 151 -4.10 32.22 -3.41
C GLY B 151 -2.94 31.22 -3.60
N SER B 152 -3.26 29.94 -3.85
CA SER B 152 -2.25 28.84 -4.00
C SER B 152 -1.55 28.84 -5.38
N VAL B 153 -2.22 29.35 -6.39
CA VAL B 153 -1.64 29.50 -7.73
C VAL B 153 -0.49 30.49 -7.81
N ASP B 154 0.66 30.02 -8.28
CA ASP B 154 1.81 30.89 -8.48
C ASP B 154 1.67 31.71 -9.78
N LEU B 155 1.24 32.96 -9.64
CA LEU B 155 0.91 33.79 -10.81
C LEU B 155 2.16 34.37 -11.51
N GLU B 156 3.32 34.37 -10.86
CA GLU B 156 4.56 34.76 -11.51
C GLU B 156 5.05 33.58 -12.35
N ASP B 157 4.83 32.36 -11.86
CA ASP B 157 5.39 31.15 -12.45
C ASP B 157 4.56 30.54 -13.61
N LEU B 158 3.58 31.26 -14.12
CA LEU B 158 2.73 30.76 -15.24
C LEU B 158 3.60 30.56 -16.47
N ASP B 159 3.08 29.83 -17.46
CA ASP B 159 3.76 29.72 -18.76
C ASP B 159 3.67 31.05 -19.51
N GLU B 160 4.71 31.36 -20.29
CA GLU B 160 4.73 32.55 -21.17
C GLU B 160 3.36 32.75 -21.82
N GLU B 161 2.64 31.65 -22.09
CA GLU B 161 1.26 31.69 -22.60
C GLU B 161 0.47 32.84 -21.94
N ARG B 162 0.52 32.91 -20.62
CA ARG B 162 -0.38 33.80 -19.82
C ARG B 162 0.16 35.10 -19.35
N LYS B 163 1.49 35.15 -19.17
CA LYS B 163 2.22 36.30 -18.61
C LYS B 163 1.27 37.41 -18.15
N GLY B 164 1.32 37.71 -16.85
CA GLY B 164 0.57 38.78 -16.25
C GLY B 164 -0.85 38.46 -15.86
N TRP B 165 -1.35 37.29 -16.28
CA TRP B 165 -2.76 36.92 -16.05
C TRP B 165 -3.03 36.82 -14.55
N SER B 166 -4.27 37.06 -14.18
CA SER B 166 -4.63 36.96 -12.81
C SER B 166 -5.38 35.61 -12.56
N GLY B 167 -5.39 35.19 -11.30
CA GLY B 167 -6.13 34.01 -10.86
C GLY B 167 -7.54 34.00 -11.36
N GLU B 168 -8.26 35.13 -11.21
CA GLU B 168 -9.67 35.17 -11.63
C GLU B 168 -9.81 35.12 -13.14
N ARG B 169 -8.85 35.69 -13.87
CA ARG B 169 -8.87 35.64 -15.34
C ARG B 169 -8.68 34.18 -15.78
N LEU B 170 -7.71 33.52 -15.17
CA LEU B 170 -7.39 32.09 -15.41
C LEU B 170 -8.61 31.18 -15.23
N LEU B 171 -9.24 31.29 -14.07
CA LEU B 171 -10.39 30.46 -13.73
C LEU B 171 -11.55 30.69 -14.70
N ALA B 172 -11.79 31.96 -15.06
CA ALA B 172 -12.82 32.27 -16.10
C ALA B 172 -12.53 31.54 -17.40
N GLU B 173 -11.29 31.64 -17.89
CA GLU B 173 -10.86 30.95 -19.13
C GLU B 173 -11.03 29.40 -19.04
N LEU B 174 -10.52 28.84 -17.95
CA LEU B 174 -10.77 27.39 -17.61
C LEU B 174 -12.24 27.01 -17.73
N GLU B 175 -13.07 27.84 -17.13
CA GLU B 175 -14.47 27.53 -17.07
C GLU B 175 -15.06 27.68 -18.40
N ARG B 176 -14.69 28.78 -19.03
CA ARG B 176 -15.19 29.12 -20.35
C ARG B 176 -14.81 28.03 -21.36
N THR B 177 -13.65 27.41 -21.21
CA THR B 177 -13.19 26.43 -22.25
C THR B 177 -13.25 24.96 -21.79
N ARG B 178 -14.03 24.66 -20.73
CA ARG B 178 -14.02 23.34 -20.19
C ARG B 178 -14.58 22.48 -21.28
N PRO B 179 -13.94 21.34 -21.62
CA PRO B 179 -14.57 20.49 -22.63
C PRO B 179 -15.88 19.91 -22.14
N ALA B 180 -16.71 19.54 -23.11
CA ALA B 180 -18.05 18.98 -22.85
C ALA B 180 -18.03 17.51 -22.47
N ASP B 181 -16.86 16.91 -22.58
CA ASP B 181 -16.65 15.51 -22.83
C ASP B 181 -15.39 15.11 -22.04
N GLU B 182 -15.37 13.98 -21.33
CA GLU B 182 -14.03 13.39 -20.99
C GLU B 182 -13.86 12.06 -21.66
N ASP B 183 -12.77 11.90 -22.41
CA ASP B 183 -12.42 10.64 -23.06
C ASP B 183 -11.54 9.98 -21.95
N LEU B 184 -12.18 9.24 -21.06
CA LEU B 184 -11.53 8.74 -19.84
C LEU B 184 -10.40 7.68 -20.09
N ALA B 185 -9.33 7.81 -19.30
CA ALA B 185 -8.27 6.84 -19.24
C ALA B 185 -7.59 6.88 -17.89
N VAL B 186 -6.81 5.84 -17.62
CA VAL B 186 -5.98 5.82 -16.42
C VAL B 186 -4.83 6.74 -16.76
N CYS B 187 -4.73 7.86 -16.05
CA CYS B 187 -3.70 8.87 -16.31
C CYS B 187 -2.73 9.02 -15.11
N HIS B 188 -1.51 9.42 -15.40
CA HIS B 188 -0.49 9.67 -14.39
C HIS B 188 -0.72 10.94 -13.68
N GLY B 189 -1.09 11.97 -14.44
CA GLY B 189 -1.42 13.26 -13.85
C GLY B 189 -0.29 14.29 -13.82
N ASP B 190 0.92 13.83 -13.91
CA ASP B 190 2.03 14.76 -14.05
C ASP B 190 3.03 14.12 -15.02
N LEU B 191 2.60 13.78 -16.22
CA LEU B 191 3.45 12.96 -17.08
C LEU B 191 4.42 13.89 -17.82
N CYS B 192 5.56 14.14 -17.23
CA CYS B 192 6.51 15.12 -17.69
C CYS B 192 7.74 14.19 -17.89
N PRO B 193 8.72 14.53 -18.76
CA PRO B 193 9.89 13.65 -19.00
C PRO B 193 10.78 13.36 -17.75
N ASP B 194 10.76 14.28 -16.81
CA ASP B 194 11.27 14.08 -15.44
C ASP B 194 10.75 12.85 -14.69
N ASN B 195 9.52 12.40 -14.99
CA ASN B 195 8.88 11.33 -14.21
C ASN B 195 8.90 9.96 -14.87
N VAL B 196 9.76 9.86 -15.87
CA VAL B 196 9.91 8.59 -16.60
C VAL B 196 11.40 8.29 -16.71
N LEU B 197 11.81 7.08 -16.36
CA LEU B 197 13.24 6.71 -16.45
C LEU B 197 13.31 5.62 -17.46
N LEU B 198 14.44 5.61 -18.17
CA LEU B 198 14.73 4.70 -19.27
C LEU B 198 16.19 4.14 -19.17
N ASP B 199 16.39 2.95 -19.68
CA ASP B 199 17.71 2.37 -19.85
C ASP B 199 18.61 3.22 -20.79
N PRO B 200 19.79 3.62 -20.32
CA PRO B 200 20.61 4.36 -21.27
C PRO B 200 21.01 3.60 -22.57
N ARG B 201 21.20 2.28 -22.49
CA ARG B 201 21.66 1.51 -23.66
C ARG B 201 20.53 1.48 -24.69
N THR B 202 19.35 1.08 -24.23
CA THR B 202 18.28 0.55 -25.06
C THR B 202 17.03 1.44 -25.26
N CYS B 203 16.97 2.61 -24.57
CA CYS B 203 15.70 3.38 -24.35
C CYS B 203 14.40 2.60 -24.02
N GLU B 204 14.47 1.51 -23.26
CA GLU B 204 13.25 0.91 -22.69
C GLU B 204 12.88 1.66 -21.40
N VAL B 205 11.57 1.83 -21.18
CA VAL B 205 11.10 2.35 -19.90
C VAL B 205 11.48 1.42 -18.71
N THR B 206 12.20 1.97 -17.73
CA THR B 206 12.51 1.28 -16.47
C THR B 206 11.55 1.73 -15.35
N GLY B 207 10.93 2.92 -15.49
CA GLY B 207 10.03 3.32 -14.42
C GLY B 207 9.28 4.60 -14.55
N LEU B 208 8.12 4.63 -13.94
CA LEU B 208 7.27 5.74 -13.98
C LEU B 208 7.31 6.19 -12.51
N ILE B 209 7.61 7.44 -12.24
CA ILE B 209 7.72 7.84 -10.84
C ILE B 209 6.75 9.04 -10.62
N ASP B 210 6.74 9.51 -9.41
CA ASP B 210 5.98 10.69 -9.02
C ASP B 210 4.50 10.51 -9.35
N VAL B 211 3.93 9.41 -8.82
CA VAL B 211 2.63 8.94 -9.26
C VAL B 211 1.46 9.48 -8.37
N GLY B 212 1.72 10.52 -7.55
CA GLY B 212 0.71 10.95 -6.62
C GLY B 212 -0.59 11.43 -7.25
N ARG B 213 -0.60 11.73 -8.56
CA ARG B 213 -1.85 12.23 -9.15
C ARG B 213 -2.49 11.19 -10.09
N VAL B 214 -1.96 9.98 -10.08
CA VAL B 214 -2.62 8.95 -10.86
C VAL B 214 -4.12 8.90 -10.63
N GLY B 215 -4.85 8.66 -11.70
CA GLY B 215 -6.29 8.53 -11.61
C GLY B 215 -7.05 8.75 -12.95
N ARG B 216 -8.35 8.39 -12.95
CA ARG B 216 -9.24 8.55 -14.12
C ARG B 216 -9.21 10.00 -14.50
N ALA B 217 -8.86 10.26 -15.74
CA ALA B 217 -8.99 11.57 -16.32
C ALA B 217 -8.99 11.42 -17.83
N ASP B 218 -9.31 12.51 -18.51
CA ASP B 218 -9.16 12.55 -19.91
C ASP B 218 -7.74 12.29 -20.22
N ARG B 219 -7.48 11.46 -21.20
CA ARG B 219 -6.12 11.18 -21.68
C ARG B 219 -5.36 12.43 -22.01
N HIS B 220 -6.06 13.47 -22.45
CA HIS B 220 -5.39 14.75 -22.79
C HIS B 220 -4.67 15.38 -21.68
N SER B 221 -5.04 15.02 -20.47
CA SER B 221 -4.42 15.52 -19.30
C SER B 221 -2.95 15.04 -19.17
N ASP B 222 -2.65 13.88 -19.70
CA ASP B 222 -1.27 13.43 -19.82
C ASP B 222 -0.63 13.95 -21.09
N LEU B 223 -1.36 13.87 -22.18
CA LEU B 223 -0.82 14.23 -23.48
C LEU B 223 -0.31 15.69 -23.42
N ALA B 224 -1.10 16.55 -22.75
CA ALA B 224 -0.89 17.98 -22.67
C ALA B 224 0.43 18.24 -22.11
N LEU B 225 0.75 17.52 -21.04
CA LEU B 225 1.93 17.87 -20.29
C LEU B 225 3.13 17.31 -20.95
N VAL B 226 3.11 16.03 -21.41
CA VAL B 226 4.24 15.55 -22.19
C VAL B 226 4.50 16.41 -23.44
N LEU B 227 3.48 16.72 -24.25
CA LEU B 227 3.67 17.53 -25.48
C LEU B 227 4.07 18.96 -25.12
N ARG B 228 3.64 19.47 -23.95
CA ARG B 228 4.16 20.76 -23.51
C ARG B 228 5.66 20.66 -23.41
N GLU B 229 6.12 19.60 -22.78
CA GLU B 229 7.53 19.47 -22.50
C GLU B 229 8.32 18.99 -23.72
N LEU B 230 7.69 18.25 -24.61
CA LEU B 230 8.40 17.76 -25.79
C LEU B 230 8.57 18.91 -26.79
N ALA B 231 7.69 19.91 -26.74
CA ALA B 231 7.91 21.14 -27.53
C ALA B 231 9.30 21.75 -27.30
N HIS B 232 9.89 21.61 -26.11
CA HIS B 232 11.21 22.23 -25.89
C HIS B 232 12.33 21.52 -26.61
N GLU B 233 13.31 22.30 -27.09
CA GLU B 233 14.57 21.78 -27.69
C GLU B 233 15.66 21.66 -26.64
N GLU B 234 15.58 22.45 -25.60
CA GLU B 234 16.41 22.23 -24.38
C GLU B 234 15.71 23.00 -23.24
N ASP B 235 15.98 22.67 -21.99
CA ASP B 235 16.02 21.32 -21.53
C ASP B 235 14.57 21.22 -21.03
N PRO B 236 13.87 20.16 -21.40
CA PRO B 236 14.38 18.96 -22.04
C PRO B 236 14.71 19.12 -23.50
N TRP B 237 15.48 18.16 -23.97
CA TRP B 237 16.09 18.22 -25.32
C TRP B 237 15.33 17.46 -26.34
N PHE B 238 14.24 18.07 -26.81
CA PHE B 238 13.39 17.39 -27.73
C PHE B 238 13.10 18.38 -28.83
N GLY B 239 11.84 18.67 -29.09
CA GLY B 239 11.54 19.63 -30.11
C GLY B 239 10.43 19.18 -30.98
N PRO B 240 10.16 19.95 -32.06
CA PRO B 240 9.00 19.71 -32.93
C PRO B 240 8.93 18.26 -33.42
N GLU B 241 10.07 17.78 -33.90
CA GLU B 241 10.12 16.48 -34.53
C GLU B 241 9.84 15.41 -33.48
N CYS B 242 10.45 15.56 -32.32
CA CYS B 242 10.13 14.72 -31.19
C CYS B 242 8.63 14.76 -30.80
N SER B 243 7.99 15.95 -30.82
CA SER B 243 6.61 16.01 -30.39
C SER B 243 5.78 15.20 -31.38
N ALA B 244 6.00 15.49 -32.67
CA ALA B 244 5.39 14.73 -33.78
C ALA B 244 5.67 13.24 -33.72
N ALA B 245 6.94 12.82 -33.53
CA ALA B 245 7.17 11.39 -33.37
C ALA B 245 6.32 10.84 -32.22
N PHE B 246 6.37 11.44 -31.04
CA PHE B 246 5.52 11.02 -29.97
C PHE B 246 4.05 10.96 -30.43
N LEU B 247 3.52 12.05 -30.93
CA LEU B 247 2.10 12.07 -31.37
C LEU B 247 1.84 10.98 -32.40
N ARG B 248 2.73 10.86 -33.37
CA ARG B 248 2.56 9.82 -34.41
C ARG B 248 2.51 8.44 -33.74
N GLU B 249 3.42 8.16 -32.81
CA GLU B 249 3.38 6.86 -32.12
C GLU B 249 2.13 6.61 -31.28
N TYR B 250 1.71 7.64 -30.57
CA TYR B 250 0.58 7.45 -29.70
C TYR B 250 -0.71 7.18 -30.50
N GLY B 251 -0.79 7.80 -31.69
CA GLY B 251 -1.97 7.76 -32.55
C GLY B 251 -1.96 6.54 -33.47
N ARG B 252 -0.83 5.83 -33.48
CA ARG B 252 -0.65 4.71 -34.40
C ARG B 252 -1.76 3.65 -34.23
N GLY B 253 -1.84 3.02 -33.07
CA GLY B 253 -2.91 2.01 -32.89
C GLY B 253 -4.38 2.48 -32.94
N TRP B 254 -4.63 3.78 -32.95
CA TRP B 254 -5.77 4.35 -32.26
C TRP B 254 -6.76 5.11 -33.10
N ASP B 255 -8.04 4.77 -32.96
CA ASP B 255 -9.11 5.42 -33.75
C ASP B 255 -9.45 6.84 -33.27
N GLY B 256 -8.94 7.23 -32.09
CA GLY B 256 -9.12 8.58 -31.62
C GLY B 256 -8.39 9.70 -32.36
N ALA B 257 -8.75 10.94 -32.04
CA ALA B 257 -7.99 12.14 -32.41
C ALA B 257 -7.43 12.82 -31.18
N VAL B 258 -6.25 13.40 -31.33
CA VAL B 258 -5.69 14.32 -30.36
C VAL B 258 -6.20 15.74 -30.61
N SER B 259 -7.02 16.26 -29.71
CA SER B 259 -7.59 17.58 -29.82
C SER B 259 -6.70 18.67 -29.24
N GLU B 260 -6.28 19.56 -30.10
CA GLU B 260 -5.48 20.70 -29.68
C GLU B 260 -6.12 21.58 -28.59
N GLU B 261 -7.43 21.72 -28.70
CA GLU B 261 -8.16 22.53 -27.73
C GLU B 261 -8.12 21.80 -26.35
N LYS B 262 -8.33 20.47 -26.32
CA LYS B 262 -8.14 19.69 -25.08
C LYS B 262 -6.71 19.80 -24.61
N LEU B 263 -5.75 19.84 -25.51
CA LEU B 263 -4.35 19.99 -25.03
C LEU B 263 -4.23 21.37 -24.38
N ALA B 264 -4.84 22.39 -24.97
CA ALA B 264 -4.70 23.77 -24.35
C ALA B 264 -5.40 23.80 -23.00
N PHE B 265 -6.55 23.13 -22.92
CA PHE B 265 -7.27 23.13 -21.71
C PHE B 265 -6.44 22.51 -20.56
N TYR B 266 -5.85 21.34 -20.77
CA TYR B 266 -5.13 20.64 -19.72
C TYR B 266 -3.83 21.28 -19.41
N ARG B 267 -3.29 22.00 -20.37
CA ARG B 267 -2.13 22.88 -20.10
C ARG B 267 -2.57 23.99 -19.10
N LEU B 268 -3.68 24.65 -19.43
CA LEU B 268 -4.28 25.66 -18.52
C LEU B 268 -4.68 25.12 -17.14
N LEU B 269 -5.26 23.93 -17.09
CA LEU B 269 -5.61 23.36 -15.79
C LEU B 269 -4.37 23.13 -14.96
N ASP B 270 -3.28 22.75 -15.59
CA ASP B 270 -2.15 22.43 -14.82
C ASP B 270 -1.51 23.63 -14.13
N GLU B 271 -1.80 24.80 -14.65
CA GLU B 271 -1.29 26.06 -14.07
C GLU B 271 -1.84 26.24 -12.68
N PHE B 272 -2.92 25.56 -12.33
CA PHE B 272 -3.57 25.81 -11.04
C PHE B 272 -2.95 25.02 -9.93
N PHE B 273 -2.01 24.11 -10.26
CA PHE B 273 -1.52 23.07 -9.32
C PHE B 273 0.00 23.04 -9.22
#